data_9AZA
#
_entry.id   9AZA
#
_cell.length_a   74.239
_cell.length_b   74.239
_cell.length_c   154.669
_cell.angle_alpha   90.000
_cell.angle_beta   90.000
_cell.angle_gamma   120.000
#
_symmetry.space_group_name_H-M   'P 32 2 1'
#
loop_
_entity.id
_entity.type
_entity.pdbx_description
1 polymer 'Aminotransferase, class V/Cysteine desulfurase'
2 non-polymer "PYRIDOXAL-5'-PHOSPHATE"
#
_entity_poly.entity_id   1
_entity_poly.type   'polypeptide(L)'
_entity_poly.pdbx_seq_one_letter_code
;MPALPLSENEGWKRPTTPFGKPMLKHFCMNPEYRNLNAASCGSWPKTVRDQWRRYLDDLEAQPDYFSEVKQGPVIQEARR
EVAQLLHARVSECVFISNATTGIYTVLHNIPFDKDDVIITFSTTYGAIDNAIASMAETQPFQTRKVTVDLPMRGEDIVAR
FEGMVAQIKAEGLHPRLAVLETIVSIPAIRMPFESLVQACQREGVLSLVDGAHSIGQFSLNLEVLQPDFFIMDCHKWLFV
PRPCAALYVPERNQHYIRSTIPPSFGFIPRDGKPALPLWSKQSGGGSSGSTATDFETIFANVATQDNMPHMCIPTALKFR
REVCGGEEAIYQYLRVLAKEGGDRVAAILGTEVLDEKPAGEYKSQRTPSEMRDCGIATVRLPLAVSSSLKPPPHSGTPYS
PLSDEEVGPAVHYLSMTLAETHKTWLYLIDHGGYIWVRLCAQIYLDTSDFEWIGNVLKEICETIGKKGHVISKH
;
_entity_poly.pdbx_strand_id   A
#
loop_
_chem_comp.id
_chem_comp.type
_chem_comp.name
_chem_comp.formula
PLP non-polymer PYRIDOXAL-5'-PHOSPHATE 'C8 H10 N O6 P'
#
# COMPACT_ATOMS: atom_id res chain seq x y z
N THR A 16 -15.33 9.57 20.16
CA THR A 16 -16.79 9.67 20.25
C THR A 16 -17.42 8.28 20.23
N THR A 17 -17.10 7.51 19.20
CA THR A 17 -17.53 6.13 19.24
C THR A 17 -16.37 5.22 19.64
N PRO A 18 -16.58 4.21 20.48
CA PRO A 18 -15.49 3.28 20.78
C PRO A 18 -15.14 2.42 19.58
N PHE A 19 -13.92 1.90 19.58
CA PHE A 19 -13.52 1.00 18.52
C PHE A 19 -14.18 -0.36 18.70
N GLY A 20 -14.25 -1.11 17.61
CA GLY A 20 -14.93 -2.39 17.61
C GLY A 20 -16.26 -2.32 16.92
N LYS A 21 -17.11 -3.29 17.25
CA LYS A 21 -18.44 -3.39 16.66
C LYS A 21 -19.35 -2.18 16.88
N PRO A 22 -19.13 -1.32 17.89
CA PRO A 22 -19.85 -0.03 17.89
C PRO A 22 -19.56 0.83 16.67
N MET A 23 -18.43 0.62 15.98
CA MET A 23 -18.15 1.38 14.77
C MET A 23 -19.00 0.90 13.59
N LEU A 24 -19.38 -0.39 13.57
CA LEU A 24 -20.12 -0.99 12.47
C LEU A 24 -21.31 -0.15 12.01
N LYS A 25 -21.90 0.66 12.90
CA LYS A 25 -23.02 1.48 12.52
C LYS A 25 -22.63 2.64 11.61
N HIS A 26 -21.35 3.00 11.56
CA HIS A 26 -20.86 4.05 10.66
C HIS A 26 -20.37 3.51 9.33
N PHE A 27 -20.26 2.20 9.18
CA PHE A 27 -19.85 1.61 7.92
C PHE A 27 -21.06 0.92 7.26
N CYS A 28 -20.88 0.56 6.00
CA CYS A 28 -21.96 0.08 5.14
C CYS A 28 -21.78 -1.40 4.79
N MET A 29 -21.24 -2.19 5.71
CA MET A 29 -20.99 -3.60 5.49
C MET A 29 -22.15 -4.42 6.01
N ASN A 30 -22.52 -5.44 5.25
CA ASN A 30 -23.58 -6.34 5.68
C ASN A 30 -23.26 -6.89 7.07
N PRO A 31 -24.22 -6.86 8.01
CA PRO A 31 -23.96 -7.41 9.35
C PRO A 31 -23.47 -8.84 9.31
N GLU A 32 -23.85 -9.60 8.28
CA GLU A 32 -23.35 -10.96 8.06
C GLU A 32 -21.96 -10.97 7.38
N TYR A 33 -21.34 -9.81 7.22
CA TYR A 33 -20.03 -9.69 6.57
C TYR A 33 -19.00 -9.24 7.61
N ARG A 34 -17.84 -9.89 7.61
CA ARG A 34 -16.71 -9.56 8.46
C ARG A 34 -15.50 -9.32 7.54
N ASN A 35 -15.14 -8.05 7.36
CA ASN A 35 -14.09 -7.70 6.40
C ASN A 35 -12.74 -7.80 7.08
N LEU A 36 -12.17 -9.00 7.05
CA LEU A 36 -10.81 -9.24 7.51
C LEU A 36 -9.80 -9.05 6.39
N ASN A 37 -10.22 -8.49 5.26
CA ASN A 37 -9.39 -8.17 4.11
C ASN A 37 -9.68 -6.76 3.62
N ALA A 38 -9.84 -5.83 4.57
CA ALA A 38 -10.24 -4.46 4.22
C ALA A 38 -9.26 -3.79 3.27
N ALA A 39 -8.00 -4.22 3.26
CA ALA A 39 -6.96 -3.58 2.46
C ALA A 39 -6.87 -4.15 1.06
N SER A 40 -8.01 -4.27 0.37
CA SER A 40 -8.02 -4.76 -1.01
C SER A 40 -8.95 -3.89 -1.85
N CYS A 41 -10.27 -4.04 -1.63
CA CYS A 41 -11.22 -3.11 -2.22
C CYS A 41 -11.32 -1.82 -1.42
N GLY A 42 -10.80 -1.82 -0.19
CA GLY A 42 -11.00 -0.71 0.70
C GLY A 42 -12.23 -0.92 1.57
N SER A 43 -12.48 0.08 2.40
CA SER A 43 -13.68 0.15 3.22
C SER A 43 -13.84 1.57 3.72
N TRP A 44 -15.01 2.16 3.54
CA TRP A 44 -15.23 3.57 3.83
C TRP A 44 -16.50 3.75 4.64
N PRO A 45 -16.57 4.80 5.47
CA PRO A 45 -17.72 4.95 6.37
C PRO A 45 -18.97 5.39 5.64
N LYS A 46 -20.09 5.47 6.34
CA LYS A 46 -21.31 6.00 5.72
C LYS A 46 -21.12 7.44 5.24
N THR A 47 -20.47 8.29 6.05
CA THR A 47 -20.32 9.69 5.66
C THR A 47 -19.53 9.87 4.38
N VAL A 48 -18.70 8.89 3.99
CA VAL A 48 -17.97 8.99 2.73
C VAL A 48 -18.87 8.61 1.55
N ARG A 49 -19.56 7.47 1.66
CA ARG A 49 -20.53 7.11 0.61
C ARG A 49 -21.49 8.25 0.35
N ASP A 50 -22.04 8.84 1.41
CA ASP A 50 -22.98 9.94 1.22
C ASP A 50 -22.35 11.04 0.40
N GLN A 51 -21.11 11.42 0.75
CA GLN A 51 -20.37 12.38 -0.07
C GLN A 51 -20.17 11.87 -1.49
N TRP A 52 -19.88 10.58 -1.65
CA TRP A 52 -19.71 10.00 -2.99
C TRP A 52 -20.95 10.22 -3.84
N ARG A 53 -22.12 9.82 -3.33
CA ARG A 53 -23.36 9.95 -4.10
C ARG A 53 -23.67 11.40 -4.43
N ARG A 54 -23.30 12.34 -3.54
CA ARG A 54 -23.63 13.75 -3.80
C ARG A 54 -22.76 14.32 -4.92
N TYR A 55 -21.51 13.89 -4.99
CA TYR A 55 -20.67 14.23 -6.14
C TYR A 55 -21.20 13.53 -7.39
N LEU A 56 -21.54 12.25 -7.26
CA LEU A 56 -22.24 11.52 -8.30
C LEU A 56 -23.45 12.32 -8.78
N ASP A 57 -24.27 12.80 -7.85
CA ASP A 57 -25.42 13.62 -8.19
C ASP A 57 -25.00 14.85 -8.99
N ASP A 58 -24.03 15.61 -8.48
CA ASP A 58 -23.58 16.82 -9.15
C ASP A 58 -23.11 16.53 -10.57
N LEU A 59 -22.28 15.49 -10.73
CA LEU A 59 -21.74 15.14 -12.05
C LEU A 59 -22.85 14.93 -13.07
N GLU A 60 -23.94 14.29 -12.66
CA GLU A 60 -25.03 14.00 -13.58
C GLU A 60 -25.90 15.21 -13.85
N ALA A 61 -25.97 16.16 -12.90
CA ALA A 61 -26.81 17.33 -13.07
C ALA A 61 -26.25 18.30 -14.10
N GLN A 62 -24.99 18.72 -13.91
CA GLN A 62 -24.33 19.68 -14.79
C GLN A 62 -22.93 19.15 -15.09
N PRO A 63 -22.82 18.17 -16.00
CA PRO A 63 -21.53 17.49 -16.23
C PRO A 63 -20.33 18.41 -16.39
N ASP A 64 -20.37 19.30 -17.37
CA ASP A 64 -19.23 20.14 -17.67
C ASP A 64 -18.99 21.23 -16.63
N TYR A 65 -19.96 21.53 -15.77
CA TYR A 65 -19.72 22.47 -14.69
C TYR A 65 -19.07 21.78 -13.49
N PHE A 66 -19.56 20.59 -13.14
CA PHE A 66 -18.92 19.79 -12.10
C PHE A 66 -17.44 19.58 -12.40
N SER A 67 -17.11 19.33 -13.66
CA SER A 67 -15.78 18.88 -14.01
C SER A 67 -14.80 20.03 -14.19
N GLU A 68 -15.25 21.17 -14.72
CA GLU A 68 -14.35 22.26 -15.03
C GLU A 68 -14.31 23.37 -13.99
N VAL A 69 -15.20 23.33 -13.00
CA VAL A 69 -15.27 24.42 -12.04
C VAL A 69 -15.20 23.88 -10.61
N LYS A 70 -16.05 22.92 -10.28
CA LYS A 70 -16.15 22.45 -8.90
C LYS A 70 -15.15 21.35 -8.56
N GLN A 71 -14.72 20.54 -9.54
CA GLN A 71 -13.89 19.39 -9.23
C GLN A 71 -12.51 19.81 -8.75
N GLY A 72 -11.84 20.67 -9.50
CA GLY A 72 -10.52 21.16 -9.19
C GLY A 72 -10.25 21.48 -7.73
N PRO A 73 -11.09 22.34 -7.13
CA PRO A 73 -10.83 22.73 -5.72
C PRO A 73 -10.75 21.55 -4.77
N VAL A 74 -11.70 20.63 -4.82
CA VAL A 74 -11.72 19.51 -3.87
C VAL A 74 -10.43 18.70 -3.98
N ILE A 75 -9.98 18.41 -5.20
CA ILE A 75 -8.76 17.64 -5.39
C ILE A 75 -7.57 18.33 -4.73
N GLN A 76 -7.48 19.65 -4.88
CA GLN A 76 -6.37 20.39 -4.28
C GLN A 76 -6.43 20.33 -2.76
N GLU A 77 -7.63 20.38 -2.18
CA GLU A 77 -7.74 20.20 -0.74
C GLU A 77 -7.27 18.81 -0.33
N ALA A 78 -7.71 17.77 -1.06
CA ALA A 78 -7.30 16.41 -0.74
C ALA A 78 -5.78 16.24 -0.79
N ARG A 79 -5.13 16.84 -1.80
CA ARG A 79 -3.67 16.84 -1.84
C ARG A 79 -3.06 17.50 -0.61
N ARG A 80 -3.64 18.63 -0.18
CA ARG A 80 -3.15 19.31 1.01
C ARG A 80 -3.28 18.43 2.24
N GLU A 81 -4.36 17.64 2.33
CA GLU A 81 -4.58 16.82 3.51
C GLU A 81 -3.71 15.56 3.48
N VAL A 82 -3.48 14.99 2.28
CA VAL A 82 -2.52 13.89 2.17
C VAL A 82 -1.12 14.38 2.49
N ALA A 83 -0.73 15.52 1.91
CA ALA A 83 0.60 16.08 2.15
C ALA A 83 0.84 16.34 3.63
N GLN A 84 -0.18 16.88 4.32
CA GLN A 84 -0.07 17.10 5.76
C GLN A 84 0.07 15.77 6.50
N LEU A 85 -0.76 14.79 6.16
CA LEU A 85 -0.69 13.49 6.83
C LEU A 85 0.66 12.83 6.62
N LEU A 86 1.38 13.22 5.58
CA LEU A 86 2.69 12.66 5.30
C LEU A 86 3.86 13.55 5.72
N HIS A 87 3.58 14.79 6.12
CA HIS A 87 4.63 15.75 6.46
C HIS A 87 5.51 16.03 5.24
N ALA A 88 4.87 16.51 4.17
CA ALA A 88 5.59 16.83 2.94
C ALA A 88 4.84 17.94 2.22
N ARG A 89 5.56 18.64 1.36
CA ARG A 89 4.99 19.79 0.68
C ARG A 89 3.94 19.34 -0.33
N VAL A 90 2.80 20.06 -0.35
CA VAL A 90 1.73 19.75 -1.29
C VAL A 90 2.24 19.76 -2.72
N SER A 91 3.30 20.55 -2.99
CA SER A 91 3.86 20.57 -4.34
C SER A 91 4.65 19.31 -4.66
N GLU A 92 5.00 18.51 -3.66
CA GLU A 92 5.71 17.26 -3.88
C GLU A 92 4.79 16.04 -4.00
N CYS A 93 3.47 16.23 -3.91
CA CYS A 93 2.52 15.12 -3.82
C CYS A 93 1.48 15.25 -4.91
N VAL A 94 1.22 14.15 -5.62
CA VAL A 94 0.41 14.18 -6.84
C VAL A 94 -0.46 12.93 -6.90
N PHE A 95 -1.65 13.07 -7.49
CA PHE A 95 -2.62 11.98 -7.51
C PHE A 95 -2.47 11.14 -8.79
N ILE A 96 -2.55 9.83 -8.60
CA ILE A 96 -2.45 8.86 -9.68
C ILE A 96 -3.51 7.79 -9.41
N SER A 97 -3.74 6.94 -10.41
CA SER A 97 -4.86 6.01 -10.33
C SER A 97 -4.61 4.86 -9.35
N ASN A 98 -3.43 4.25 -9.39
CA ASN A 98 -3.13 3.14 -8.49
C ASN A 98 -1.62 3.03 -8.31
N ALA A 99 -1.22 2.17 -7.37
CA ALA A 99 0.20 2.06 -7.01
C ALA A 99 1.03 1.54 -8.19
N THR A 100 0.47 0.62 -8.99
CA THR A 100 1.20 0.10 -10.13
C THR A 100 1.56 1.20 -11.12
N THR A 101 0.61 2.11 -11.40
CA THR A 101 0.88 3.17 -12.36
C THR A 101 1.94 4.14 -11.84
N GLY A 102 1.97 4.38 -10.52
CA GLY A 102 2.92 5.34 -9.98
C GLY A 102 4.35 4.80 -9.94
N ILE A 103 4.51 3.56 -9.49
CA ILE A 103 5.84 2.93 -9.52
C ILE A 103 6.35 2.84 -10.94
N TYR A 104 5.45 2.48 -11.86
CA TYR A 104 5.84 2.39 -13.27
C TYR A 104 6.17 3.76 -13.84
N THR A 105 5.40 4.78 -13.45
CA THR A 105 5.70 6.15 -13.89
C THR A 105 7.13 6.53 -13.51
N VAL A 106 7.56 6.15 -12.30
CA VAL A 106 8.93 6.47 -11.89
C VAL A 106 9.93 5.63 -12.69
N LEU A 107 9.73 4.31 -12.71
CA LEU A 107 10.67 3.41 -13.40
C LEU A 107 10.86 3.78 -14.87
N HIS A 108 9.84 4.39 -15.49
CA HIS A 108 9.87 4.66 -16.92
C HIS A 108 10.53 5.99 -17.26
N ASN A 109 10.48 6.96 -16.34
CA ASN A 109 11.06 8.27 -16.60
C ASN A 109 12.57 8.29 -16.41
N ILE A 110 13.10 7.46 -15.50
CA ILE A 110 14.53 7.45 -15.19
C ILE A 110 15.29 6.84 -16.37
N PRO A 111 16.20 7.57 -17.00
CA PRO A 111 17.06 6.95 -18.02
C PRO A 111 18.07 6.02 -17.38
N PHE A 112 18.15 4.80 -17.89
CA PHE A 112 19.05 3.79 -17.37
C PHE A 112 20.14 3.48 -18.39
N ASP A 113 21.38 3.34 -17.89
CA ASP A 113 22.51 3.00 -18.75
C ASP A 113 22.71 1.49 -18.82
N LYS A 114 23.57 1.10 -19.75
CA LYS A 114 24.09 -0.26 -19.85
C LYS A 114 24.76 -0.73 -18.54
N ASP A 115 25.25 0.20 -17.72
CA ASP A 115 25.98 -0.15 -16.49
C ASP A 115 25.21 0.16 -15.22
N ASP A 116 24.02 0.71 -15.31
CA ASP A 116 23.15 0.84 -14.14
C ASP A 116 22.54 -0.52 -13.80
N VAL A 117 22.25 -0.70 -12.51
CA VAL A 117 21.61 -1.91 -12.01
C VAL A 117 20.43 -1.50 -11.16
N ILE A 118 19.30 -2.19 -11.33
CA ILE A 118 18.14 -2.03 -10.46
C ILE A 118 18.09 -3.21 -9.50
N ILE A 119 17.93 -2.92 -8.21
CA ILE A 119 17.93 -3.97 -7.18
C ILE A 119 16.51 -4.17 -6.70
N THR A 120 16.13 -5.44 -6.58
CA THR A 120 14.85 -5.83 -6.01
C THR A 120 15.10 -6.88 -4.93
N PHE A 121 14.02 -7.30 -4.29
CA PHE A 121 14.05 -8.35 -3.29
C PHE A 121 13.02 -9.40 -3.67
N SER A 122 13.25 -10.66 -3.27
CA SER A 122 12.26 -11.69 -3.52
C SER A 122 10.90 -11.34 -2.93
N THR A 123 10.83 -10.32 -2.06
CA THR A 123 9.59 -9.77 -1.55
C THR A 123 8.96 -8.72 -2.45
N THR A 124 9.67 -8.27 -3.50
CA THR A 124 9.14 -7.22 -4.36
C THR A 124 7.86 -7.69 -5.04
N TYR A 125 6.84 -6.82 -4.99
CA TYR A 125 5.54 -7.11 -5.59
C TYR A 125 5.71 -7.62 -7.02
N GLY A 126 4.90 -8.62 -7.38
CA GLY A 126 5.09 -9.32 -8.63
C GLY A 126 4.93 -8.41 -9.84
N ALA A 127 3.98 -7.47 -9.78
CA ALA A 127 3.78 -6.57 -10.90
C ALA A 127 4.94 -5.61 -11.10
N ILE A 128 5.76 -5.39 -10.06
CA ILE A 128 6.95 -4.57 -10.22
C ILE A 128 8.02 -5.32 -10.99
N ASP A 129 8.14 -6.63 -10.74
CA ASP A 129 9.11 -7.43 -11.47
C ASP A 129 8.74 -7.51 -12.95
N ASN A 130 7.46 -7.63 -13.27
CA ASN A 130 7.03 -7.65 -14.66
C ASN A 130 7.33 -6.32 -15.34
N ALA A 131 7.16 -5.21 -14.63
CA ALA A 131 7.57 -3.91 -15.14
C ALA A 131 9.04 -3.95 -15.56
N ILE A 132 9.91 -4.39 -14.65
CA ILE A 132 11.35 -4.33 -14.89
C ILE A 132 11.76 -5.28 -16.00
N ALA A 133 11.24 -6.52 -15.97
CA ALA A 133 11.56 -7.47 -17.04
C ALA A 133 11.23 -6.87 -18.41
N SER A 134 10.04 -6.28 -18.54
CA SER A 134 9.65 -5.67 -19.81
C SER A 134 10.56 -4.52 -20.18
N MET A 135 11.03 -3.76 -19.19
CA MET A 135 11.90 -2.62 -19.49
C MET A 135 13.22 -3.07 -20.08
N ALA A 136 13.67 -4.28 -19.73
CA ALA A 136 14.96 -4.77 -20.20
C ALA A 136 14.91 -5.31 -21.62
N GLU A 137 13.71 -5.51 -22.19
CA GLU A 137 13.61 -5.98 -23.56
C GLU A 137 14.11 -4.93 -24.54
N THR A 138 13.85 -3.65 -24.26
CA THR A 138 14.26 -2.58 -25.15
C THR A 138 15.26 -1.61 -24.54
N GLN A 139 15.58 -1.73 -23.24
CA GLN A 139 16.58 -0.93 -22.55
C GLN A 139 17.72 -1.83 -22.05
N PRO A 140 18.97 -1.34 -22.12
CA PRO A 140 20.13 -2.19 -21.77
C PRO A 140 20.59 -2.28 -20.32
N PHE A 141 19.78 -1.92 -19.32
CA PHE A 141 20.24 -2.04 -17.94
C PHE A 141 20.23 -3.51 -17.49
N GLN A 142 20.51 -3.73 -16.20
CA GLN A 142 20.46 -5.07 -15.63
C GLN A 142 19.97 -5.00 -14.19
N THR A 143 19.72 -6.17 -13.60
CA THR A 143 18.99 -6.28 -12.34
C THR A 143 19.56 -7.40 -11.48
N ARG A 144 19.38 -7.26 -10.17
CA ARG A 144 19.77 -8.30 -9.22
C ARG A 144 18.80 -8.29 -8.05
N LYS A 145 18.51 -9.48 -7.54
CA LYS A 145 17.48 -9.70 -6.54
C LYS A 145 18.11 -10.13 -5.22
N VAL A 146 17.83 -9.38 -4.17
CA VAL A 146 18.27 -9.74 -2.82
C VAL A 146 17.35 -10.84 -2.29
N THR A 147 17.96 -11.95 -1.89
CA THR A 147 17.18 -13.10 -1.41
C THR A 147 16.72 -12.81 0.01
N VAL A 148 15.40 -12.66 0.18
CA VAL A 148 14.79 -12.58 1.50
C VAL A 148 13.89 -13.80 1.67
N ASP A 149 14.26 -14.66 2.61
CA ASP A 149 13.50 -15.85 2.97
C ASP A 149 12.90 -15.58 4.35
N LEU A 150 11.62 -15.23 4.37
CA LEU A 150 10.99 -14.84 5.61
C LEU A 150 10.63 -16.08 6.43
N PRO A 151 10.80 -16.05 7.75
CA PRO A 151 11.19 -14.91 8.60
C PRO A 151 12.67 -14.53 8.54
N MET A 152 12.96 -13.27 8.84
CA MET A 152 14.32 -12.78 9.02
C MET A 152 14.31 -11.76 10.13
N ARG A 153 15.50 -11.29 10.50
CA ARG A 153 15.61 -10.07 11.26
C ARG A 153 15.71 -8.89 10.30
N GLY A 154 15.15 -7.76 10.71
CA GLY A 154 15.22 -6.57 9.87
C GLY A 154 16.64 -6.21 9.48
N GLU A 155 17.57 -6.29 10.43
CA GLU A 155 18.97 -5.97 10.13
C GLU A 155 19.56 -6.95 9.13
N ASP A 156 19.15 -8.23 9.20
CA ASP A 156 19.70 -9.22 8.29
C ASP A 156 19.23 -8.98 6.86
N ILE A 157 18.09 -8.32 6.68
CA ILE A 157 17.68 -7.89 5.35
C ILE A 157 18.50 -6.69 4.92
N VAL A 158 18.78 -5.77 5.84
CA VAL A 158 19.62 -4.62 5.51
C VAL A 158 21.02 -5.09 5.16
N ALA A 159 21.53 -6.07 5.90
CA ALA A 159 22.89 -6.56 5.66
C ALA A 159 23.04 -7.11 4.25
N ARG A 160 22.15 -8.02 3.83
CA ARG A 160 22.24 -8.58 2.49
C ARG A 160 22.10 -7.49 1.44
N PHE A 161 21.26 -6.48 1.71
CA PHE A 161 21.15 -5.34 0.79
C PHE A 161 22.47 -4.60 0.70
N GLU A 162 23.12 -4.37 1.84
CA GLU A 162 24.45 -3.79 1.82
C GLU A 162 25.42 -4.66 1.04
N GLY A 163 25.38 -5.96 1.28
CA GLY A 163 26.26 -6.86 0.57
C GLY A 163 26.11 -6.78 -0.93
N MET A 164 24.87 -6.65 -1.41
CA MET A 164 24.64 -6.63 -2.85
C MET A 164 25.10 -5.32 -3.47
N VAL A 165 24.95 -4.19 -2.77
CA VAL A 165 25.46 -2.92 -3.29
C VAL A 165 26.98 -2.95 -3.35
N ALA A 166 27.63 -3.39 -2.25
CA ALA A 166 29.08 -3.54 -2.25
C ALA A 166 29.56 -4.38 -3.43
N GLN A 167 28.87 -5.49 -3.70
CA GLN A 167 29.29 -6.39 -4.78
C GLN A 167 29.01 -5.79 -6.15
N ILE A 168 27.99 -4.94 -6.27
CA ILE A 168 27.74 -4.28 -7.55
C ILE A 168 28.85 -3.28 -7.85
N LYS A 169 29.22 -2.48 -6.85
CA LYS A 169 30.31 -1.53 -7.03
C LYS A 169 31.63 -2.24 -7.31
N ALA A 170 31.77 -3.49 -6.83
CA ALA A 170 33.02 -4.21 -7.01
C ALA A 170 33.17 -4.74 -8.43
N GLU A 171 32.07 -5.11 -9.08
CA GLU A 171 32.14 -5.60 -10.45
C GLU A 171 32.27 -4.48 -11.48
N GLY A 172 32.23 -3.22 -11.05
CA GLY A 172 32.35 -2.10 -11.96
C GLY A 172 31.04 -1.46 -12.36
N LEU A 173 29.90 -2.08 -12.06
CA LEU A 173 28.59 -1.52 -12.41
C LEU A 173 28.20 -0.45 -11.39
N HIS A 174 27.06 0.19 -11.61
CA HIS A 174 26.63 1.31 -10.76
C HIS A 174 25.27 1.04 -10.17
N PRO A 175 25.16 0.78 -8.85
CA PRO A 175 23.84 0.65 -8.22
C PRO A 175 23.07 1.95 -8.32
N ARG A 176 22.09 2.00 -9.21
CA ARG A 176 21.37 3.22 -9.53
C ARG A 176 20.08 3.40 -8.75
N LEU A 177 19.34 2.32 -8.52
CA LEU A 177 18.01 2.44 -7.94
C LEU A 177 17.61 1.12 -7.32
N ALA A 178 16.82 1.19 -6.25
CA ALA A 178 16.37 0.02 -5.53
C ALA A 178 14.89 0.16 -5.21
N VAL A 179 14.14 -0.91 -5.44
CA VAL A 179 12.72 -0.95 -5.11
C VAL A 179 12.57 -1.56 -3.73
N LEU A 180 12.16 -0.72 -2.79
CA LEU A 180 11.80 -1.17 -1.45
C LEU A 180 10.29 -1.19 -1.31
N GLU A 181 9.83 -1.74 -0.20
CA GLU A 181 8.42 -1.74 0.14
C GLU A 181 8.29 -1.47 1.63
N THR A 182 7.17 -0.84 2.03
CA THR A 182 6.89 -0.75 3.46
C THR A 182 6.27 -2.06 3.96
N ILE A 183 5.12 -2.43 3.42
CA ILE A 183 4.47 -3.70 3.72
C ILE A 183 4.61 -4.60 2.49
N VAL A 184 5.33 -5.72 2.66
CA VAL A 184 5.28 -6.77 1.65
C VAL A 184 3.84 -7.24 1.49
N SER A 185 3.42 -7.43 0.24
CA SER A 185 2.03 -7.76 -0.06
C SER A 185 1.58 -8.99 0.72
N ILE A 186 2.22 -10.13 0.46
CA ILE A 186 1.93 -11.39 1.13
C ILE A 186 3.09 -12.33 0.88
N PRO A 187 3.69 -12.97 1.90
CA PRO A 187 3.37 -12.95 3.33
C PRO A 187 3.61 -11.59 3.99
N ALA A 188 2.56 -10.98 4.54
CA ALA A 188 2.56 -9.55 4.84
C ALA A 188 3.20 -9.27 6.19
N ILE A 189 4.28 -8.50 6.16
CA ILE A 189 4.99 -8.02 7.35
C ILE A 189 5.56 -6.64 7.01
N ARG A 190 6.18 -6.01 7.99
CA ARG A 190 6.75 -4.68 7.83
C ARG A 190 8.26 -4.79 7.60
N MET A 191 8.73 -4.18 6.52
CA MET A 191 10.15 -4.22 6.20
C MET A 191 10.87 -3.04 6.84
N PRO A 192 12.16 -3.18 7.15
CA PRO A 192 12.91 -2.05 7.70
C PRO A 192 13.17 -0.98 6.66
N PHE A 193 12.10 -0.38 6.11
CA PHE A 193 12.28 0.56 5.02
C PHE A 193 12.95 1.85 5.48
N GLU A 194 12.72 2.27 6.73
CA GLU A 194 13.50 3.37 7.29
C GLU A 194 15.00 3.09 7.19
N SER A 195 15.43 1.91 7.62
CA SER A 195 16.84 1.53 7.54
C SER A 195 17.30 1.39 6.09
N LEU A 196 16.43 0.85 5.23
CA LEU A 196 16.85 0.62 3.85
C LEU A 196 16.93 1.92 3.05
N VAL A 197 16.10 2.92 3.39
CA VAL A 197 16.24 4.22 2.73
C VAL A 197 17.57 4.86 3.13
N GLN A 198 17.94 4.75 4.40
CA GLN A 198 19.22 5.27 4.86
C GLN A 198 20.39 4.56 4.21
N ALA A 199 20.27 3.24 4.02
CA ALA A 199 21.30 2.51 3.31
C ALA A 199 21.39 2.99 1.87
N CYS A 200 20.25 3.28 1.25
CA CYS A 200 20.24 3.78 -0.12
C CYS A 200 20.88 5.16 -0.20
N GLN A 201 20.66 6.01 0.81
CA GLN A 201 21.29 7.31 0.74
C GLN A 201 22.80 7.20 0.80
N ARG A 202 23.33 6.35 1.68
CA ARG A 202 24.78 6.40 1.88
C ARG A 202 25.55 6.06 0.61
N GLU A 203 25.03 5.15 -0.23
CA GLU A 203 25.80 4.64 -1.36
C GLU A 203 25.32 5.17 -2.72
N GLY A 204 24.51 6.22 -2.73
CA GLY A 204 24.10 6.86 -3.97
C GLY A 204 23.14 6.01 -4.77
N VAL A 205 22.12 5.47 -4.10
CA VAL A 205 21.14 4.59 -4.71
C VAL A 205 19.76 5.19 -4.52
N LEU A 206 18.97 5.21 -5.58
CA LEU A 206 17.64 5.81 -5.52
C LEU A 206 16.67 4.85 -4.84
N SER A 207 15.94 5.36 -3.85
CA SER A 207 15.06 4.55 -3.03
C SER A 207 13.62 4.74 -3.51
N LEU A 208 13.14 3.80 -4.32
CA LEU A 208 11.76 3.78 -4.77
C LEU A 208 10.96 2.99 -3.75
N VAL A 209 10.20 3.67 -2.90
CA VAL A 209 9.47 3.00 -1.84
C VAL A 209 8.06 2.68 -2.34
N ASP A 210 7.78 1.39 -2.49
CA ASP A 210 6.43 0.89 -2.71
C ASP A 210 5.72 0.83 -1.36
N GLY A 211 5.11 1.95 -0.98
CA GLY A 211 4.36 2.01 0.25
C GLY A 211 2.87 1.89 0.00
N ALA A 212 2.47 0.91 -0.82
CA ALA A 212 1.06 0.71 -1.12
C ALA A 212 0.27 0.58 0.17
N HIS A 213 0.78 -0.20 1.11
CA HIS A 213 0.26 -0.21 2.47
C HIS A 213 1.10 0.74 3.29
N SER A 214 0.56 1.92 3.58
CA SER A 214 1.27 2.90 4.38
C SER A 214 0.30 3.93 4.96
N ILE A 215 -0.12 4.87 4.12
CA ILE A 215 -0.99 5.94 4.59
C ILE A 215 -2.25 5.33 5.20
N GLY A 216 -2.62 5.83 6.38
CA GLY A 216 -3.80 5.35 7.06
C GLY A 216 -3.61 4.09 7.87
N GLN A 217 -2.48 3.42 7.76
CA GLN A 217 -2.25 2.23 8.58
C GLN A 217 -1.27 2.48 9.72
N PHE A 218 -0.23 3.28 9.48
CA PHE A 218 0.70 3.66 10.53
C PHE A 218 1.26 5.03 10.20
N SER A 219 1.99 5.60 11.15
CA SER A 219 2.53 6.93 10.98
C SER A 219 3.66 6.93 9.96
N LEU A 220 3.79 8.06 9.28
CA LEU A 220 4.75 8.21 8.19
C LEU A 220 5.20 9.66 8.19
N ASN A 221 6.50 9.87 8.20
CA ASN A 221 7.07 11.20 8.08
C ASN A 221 8.03 11.18 6.91
N LEU A 222 7.62 11.78 5.79
CA LEU A 222 8.52 11.85 4.65
C LEU A 222 9.60 12.91 4.87
N GLU A 223 9.33 13.93 5.70
CA GLU A 223 10.37 14.91 6.01
C GLU A 223 11.58 14.24 6.64
N VAL A 224 11.38 13.27 7.53
CA VAL A 224 12.55 12.58 8.10
C VAL A 224 12.99 11.44 7.21
N LEU A 225 12.05 10.63 6.72
CA LEU A 225 12.43 9.46 5.92
C LEU A 225 13.21 9.89 4.70
N GLN A 226 12.75 10.94 4.02
CA GLN A 226 13.39 11.45 2.81
C GLN A 226 13.65 10.34 1.79
N PRO A 227 12.59 9.65 1.32
CA PRO A 227 12.78 8.70 0.23
C PRO A 227 12.92 9.45 -1.09
N ASP A 228 13.51 8.79 -2.06
CA ASP A 228 13.64 9.40 -3.37
C ASP A 228 12.32 9.39 -4.12
N PHE A 229 11.52 8.34 -3.92
CA PHE A 229 10.16 8.29 -4.44
C PHE A 229 9.32 7.55 -3.42
N PHE A 230 8.08 7.99 -3.26
CA PHE A 230 7.17 7.33 -2.34
C PHE A 230 5.80 7.22 -2.99
N ILE A 231 5.29 5.99 -3.09
CA ILE A 231 4.02 5.70 -3.73
C ILE A 231 3.14 4.99 -2.70
N MET A 232 1.85 5.31 -2.69
CA MET A 232 1.00 4.77 -1.64
C MET A 232 -0.46 4.72 -2.10
N ASP A 233 -1.16 3.70 -1.61
CA ASP A 233 -2.57 3.46 -1.91
C ASP A 233 -3.41 4.02 -0.77
N CYS A 234 -4.13 5.10 -1.04
CA CYS A 234 -5.01 5.66 -0.01
C CYS A 234 -6.19 4.74 0.27
N HIS A 235 -6.75 4.12 -0.77
CA HIS A 235 -7.95 3.32 -0.60
C HIS A 235 -7.75 2.08 0.26
N LYS A 236 -6.51 1.66 0.45
CA LYS A 236 -6.24 0.43 1.18
C LYS A 236 -6.41 0.63 2.70
N TRP A 237 -6.26 1.86 3.19
CA TRP A 237 -6.32 2.13 4.63
C TRP A 237 -6.90 3.48 5.06
N LEU A 238 -7.17 4.35 4.08
CA LEU A 238 -7.58 5.72 4.36
C LEU A 238 -9.07 5.93 4.15
N PHE A 239 -9.86 4.85 4.18
CA PHE A 239 -11.32 4.92 4.15
C PHE A 239 -11.82 5.71 2.93
N VAL A 240 -11.20 5.47 1.79
CA VAL A 240 -11.72 5.93 0.51
C VAL A 240 -11.90 4.70 -0.37
N PRO A 241 -12.68 4.81 -1.44
CA PRO A 241 -12.89 3.64 -2.31
C PRO A 241 -11.76 3.47 -3.32
N ARG A 242 -11.57 2.23 -3.74
CA ARG A 242 -10.62 1.97 -4.81
C ARG A 242 -11.16 2.52 -6.12
N PRO A 243 -10.28 2.98 -7.02
CA PRO A 243 -8.83 3.08 -6.86
C PRO A 243 -8.38 4.49 -6.43
N CYS A 244 -7.46 4.60 -5.47
CA CYS A 244 -6.97 5.91 -5.05
C CYS A 244 -5.54 5.77 -4.54
N ALA A 245 -4.63 6.49 -5.15
CA ALA A 245 -3.22 6.44 -4.80
C ALA A 245 -2.61 7.83 -4.99
N ALA A 246 -1.46 8.04 -4.37
CA ALA A 246 -0.72 9.28 -4.48
C ALA A 246 0.76 8.98 -4.67
N LEU A 247 1.45 9.95 -5.27
CA LEU A 247 2.88 9.85 -5.57
C LEU A 247 3.59 11.03 -4.92
N TYR A 248 4.70 10.74 -4.23
CA TYR A 248 5.52 11.76 -3.59
C TYR A 248 6.89 11.77 -4.24
N VAL A 249 7.32 12.94 -4.73
CA VAL A 249 8.65 13.12 -5.29
C VAL A 249 9.26 14.38 -4.70
N PRO A 250 10.40 14.32 -4.03
CA PRO A 250 11.02 15.53 -3.51
C PRO A 250 11.49 16.43 -4.64
N GLU A 251 11.67 17.71 -4.32
CA GLU A 251 12.07 18.67 -5.34
C GLU A 251 13.35 18.24 -6.04
N ARG A 252 14.35 17.80 -5.29
CA ARG A 252 15.62 17.37 -5.87
C ARG A 252 15.48 16.24 -6.89
N ASN A 253 14.28 15.67 -7.05
CA ASN A 253 14.08 14.58 -7.99
C ASN A 253 12.97 14.84 -9.01
N GLN A 254 12.19 15.92 -8.86
CA GLN A 254 11.08 16.17 -9.78
C GLN A 254 11.54 16.37 -11.23
N HIS A 255 12.85 16.53 -11.47
CA HIS A 255 13.36 16.74 -12.83
C HIS A 255 13.33 15.46 -13.66
N TYR A 256 13.34 14.29 -13.02
CA TYR A 256 13.28 13.04 -13.77
C TYR A 256 11.91 12.82 -14.39
N ILE A 257 10.85 13.26 -13.72
CA ILE A 257 9.48 12.91 -14.07
C ILE A 257 9.00 13.90 -15.13
N ARG A 258 8.92 13.45 -16.38
CA ARG A 258 8.57 14.33 -17.48
C ARG A 258 7.32 13.91 -18.22
N SER A 259 6.68 12.82 -17.81
CA SER A 259 5.48 12.33 -18.48
C SER A 259 4.73 11.41 -17.52
N THR A 260 3.41 11.39 -17.67
CA THR A 260 2.64 10.36 -16.97
C THR A 260 2.59 9.09 -17.83
N ILE A 261 2.10 8.01 -17.23
CA ILE A 261 1.90 6.78 -17.99
C ILE A 261 0.41 6.45 -17.96
N PRO A 262 -0.28 6.48 -19.11
CA PRO A 262 0.24 6.81 -20.45
C PRO A 262 0.54 8.31 -20.57
N PRO A 263 1.42 8.71 -21.48
CA PRO A 263 1.67 10.14 -21.68
C PRO A 263 0.41 10.85 -22.14
N SER A 264 0.37 12.15 -21.86
CA SER A 264 -0.76 12.98 -22.25
C SER A 264 -0.28 14.39 -22.55
N PHE A 265 -1.07 15.40 -22.22
CA PHE A 265 -0.81 16.75 -22.69
C PHE A 265 0.24 17.50 -21.88
N GLY A 266 0.56 17.05 -20.67
CA GLY A 266 1.55 17.71 -19.83
C GLY A 266 2.99 17.23 -20.02
N PHE A 267 3.27 16.60 -21.16
CA PHE A 267 4.58 16.03 -21.41
C PHE A 267 5.64 17.12 -21.58
N ILE A 268 6.88 16.76 -21.28
CA ILE A 268 7.99 17.71 -21.29
C ILE A 268 9.14 17.20 -22.14
N PRO A 269 9.46 17.85 -23.26
CA PRO A 269 10.58 17.38 -24.08
C PRO A 269 11.93 17.70 -23.47
N ARG A 270 12.94 16.91 -23.86
CA ARG A 270 14.31 17.12 -23.41
C ARG A 270 14.86 18.45 -23.95
N THR A 291 -0.28 29.51 -9.78
CA THR A 291 1.12 29.34 -10.17
C THR A 291 1.65 27.96 -9.74
N ALA A 292 1.31 26.95 -10.52
CA ALA A 292 1.74 25.58 -10.25
C ALA A 292 3.06 25.29 -10.96
N THR A 293 3.75 24.26 -10.46
CA THR A 293 4.99 23.85 -11.10
C THR A 293 4.69 22.91 -12.27
N ASP A 294 5.66 22.79 -13.17
CA ASP A 294 5.51 21.89 -14.33
C ASP A 294 5.22 20.47 -13.87
N PHE A 295 5.92 20.01 -12.81
CA PHE A 295 5.66 18.69 -12.24
C PHE A 295 4.17 18.50 -11.97
N GLU A 296 3.56 19.47 -11.30
CA GLU A 296 2.15 19.37 -10.95
C GLU A 296 1.27 19.28 -12.19
N THR A 297 1.52 20.17 -13.17
CA THR A 297 0.71 20.17 -14.39
C THR A 297 0.76 18.80 -15.08
N ILE A 298 1.90 18.11 -15.01
CA ILE A 298 2.04 16.77 -15.61
C ILE A 298 0.95 15.85 -15.10
N PHE A 299 0.67 15.90 -13.81
CA PHE A 299 -0.28 15.00 -13.20
C PHE A 299 -1.68 15.59 -13.12
N ALA A 300 -1.89 16.76 -13.76
CA ALA A 300 -3.20 17.39 -13.82
C ALA A 300 -3.79 17.28 -15.22
N ASN A 301 -3.06 17.72 -16.25
CA ASN A 301 -3.49 17.57 -17.64
C ASN A 301 -3.28 16.13 -18.07
N VAL A 302 -4.20 15.26 -17.66
CA VAL A 302 -4.10 13.84 -17.95
C VAL A 302 -5.33 13.41 -18.73
N ALA A 303 -5.38 12.14 -19.14
CA ALA A 303 -6.52 11.62 -19.88
C ALA A 303 -7.76 11.57 -18.98
N THR A 304 -8.86 11.08 -19.54
CA THR A 304 -10.11 11.06 -18.80
C THR A 304 -10.04 10.05 -17.66
N GLN A 305 -10.33 10.53 -16.45
CA GLN A 305 -10.36 9.68 -15.27
C GLN A 305 -11.48 10.16 -14.36
N ASP A 306 -11.78 9.36 -13.33
CA ASP A 306 -12.74 9.73 -12.30
C ASP A 306 -11.95 10.07 -11.04
N ASN A 307 -11.97 11.35 -10.66
CA ASN A 307 -11.28 11.81 -9.47
C ASN A 307 -12.18 11.79 -8.24
N MET A 308 -13.36 11.18 -8.34
CA MET A 308 -14.24 11.00 -7.19
C MET A 308 -13.57 10.29 -6.00
N PRO A 309 -12.87 9.16 -6.17
CA PRO A 309 -12.18 8.57 -5.00
C PRO A 309 -11.31 9.57 -4.24
N HIS A 310 -10.51 10.36 -4.96
CA HIS A 310 -9.69 11.38 -4.30
C HIS A 310 -10.56 12.48 -3.67
N MET A 311 -11.61 12.92 -4.38
CA MET A 311 -12.50 13.95 -3.88
C MET A 311 -13.20 13.55 -2.58
N CYS A 312 -13.19 12.26 -2.23
CA CYS A 312 -13.72 11.78 -0.96
C CYS A 312 -12.66 11.75 0.15
N ILE A 313 -11.38 11.79 -0.19
CA ILE A 313 -10.32 11.83 0.82
C ILE A 313 -10.65 12.77 1.98
N PRO A 314 -10.97 14.08 1.75
CA PRO A 314 -11.24 14.98 2.89
C PRO A 314 -12.24 14.40 3.89
N THR A 315 -13.44 14.05 3.40
CA THR A 315 -14.49 13.51 4.26
C THR A 315 -13.96 12.38 5.16
N ALA A 316 -13.27 11.39 4.57
CA ALA A 316 -12.71 10.30 5.35
C ALA A 316 -11.81 10.82 6.47
N LEU A 317 -10.92 11.77 6.17
CA LEU A 317 -10.05 12.34 7.20
C LEU A 317 -10.86 13.05 8.28
N LYS A 318 -11.86 13.85 7.89
CA LYS A 318 -12.82 14.41 8.85
C LYS A 318 -13.36 13.32 9.76
N PHE A 319 -13.92 12.26 9.17
CA PHE A 319 -14.41 11.12 9.95
C PHE A 319 -13.33 10.58 10.88
N ARG A 320 -12.11 10.42 10.37
CA ARG A 320 -11.03 9.84 11.17
C ARG A 320 -10.65 10.75 12.33
N ARG A 321 -10.67 12.06 12.10
CA ARG A 321 -10.38 12.99 13.18
C ARG A 321 -11.48 12.99 14.24
N GLU A 322 -12.74 13.04 13.80
CA GLU A 322 -13.85 13.31 14.71
C GLU A 322 -14.43 12.03 15.32
N VAL A 323 -14.86 11.09 14.48
CA VAL A 323 -15.48 9.88 14.99
C VAL A 323 -14.44 8.94 15.61
N CYS A 324 -13.22 8.94 15.08
CA CYS A 324 -12.20 7.99 15.50
C CYS A 324 -11.18 8.55 16.47
N GLY A 325 -11.26 9.82 16.82
CA GLY A 325 -10.32 10.36 17.79
C GLY A 325 -8.92 10.56 17.26
N GLY A 326 -8.77 10.83 15.97
CA GLY A 326 -7.49 11.19 15.41
C GLY A 326 -6.73 10.01 14.83
N GLU A 327 -5.71 10.33 14.03
CA GLU A 327 -4.95 9.31 13.33
C GLU A 327 -4.24 8.36 14.28
N GLU A 328 -3.59 8.90 15.33
CA GLU A 328 -2.81 8.02 16.20
C GLU A 328 -3.69 6.98 16.86
N ALA A 329 -4.89 7.38 17.29
CA ALA A 329 -5.83 6.41 17.86
C ALA A 329 -6.01 5.21 16.93
N ILE A 330 -6.22 5.48 15.64
CA ILE A 330 -6.47 4.42 14.67
C ILE A 330 -5.24 3.53 14.47
N TYR A 331 -4.04 4.11 14.48
CA TYR A 331 -2.83 3.32 14.25
C TYR A 331 -2.58 2.37 15.41
N GLN A 332 -2.65 2.86 16.65
CA GLN A 332 -2.38 2.00 17.80
C GLN A 332 -3.41 0.89 17.91
N TYR A 333 -4.68 1.20 17.61
CA TYR A 333 -5.70 0.17 17.64
C TYR A 333 -5.43 -0.89 16.59
N LEU A 334 -5.04 -0.47 15.38
CA LEU A 334 -4.80 -1.42 14.31
C LEU A 334 -3.63 -2.35 14.63
N ARG A 335 -2.58 -1.82 15.27
CA ARG A 335 -1.43 -2.66 15.57
C ARG A 335 -1.74 -3.64 16.70
N VAL A 336 -2.43 -3.19 17.75
CA VAL A 336 -2.67 -4.06 18.90
C VAL A 336 -3.70 -5.13 18.55
N LEU A 337 -4.72 -4.76 17.77
CA LEU A 337 -5.70 -5.76 17.32
C LEU A 337 -5.00 -6.84 16.50
N ALA A 338 -4.19 -6.44 15.52
CA ALA A 338 -3.44 -7.41 14.74
C ALA A 338 -2.46 -8.19 15.60
N LYS A 339 -1.82 -7.52 16.56
CA LYS A 339 -0.98 -8.21 17.53
C LYS A 339 -1.76 -9.31 18.26
N GLU A 340 -2.79 -8.92 19.01
CA GLU A 340 -3.50 -9.88 19.84
C GLU A 340 -4.34 -10.84 19.00
N GLY A 341 -5.16 -10.28 18.10
CA GLY A 341 -5.96 -11.12 17.21
C GLY A 341 -5.13 -12.09 16.38
N GLY A 342 -3.91 -11.71 16.01
CA GLY A 342 -3.04 -12.61 15.28
C GLY A 342 -2.55 -13.76 16.14
N ASP A 343 -1.96 -13.43 17.30
CA ASP A 343 -1.58 -14.46 18.25
C ASP A 343 -2.75 -15.36 18.61
N ARG A 344 -3.97 -14.80 18.62
CA ARG A 344 -5.15 -15.55 19.03
C ARG A 344 -5.55 -16.58 17.99
N VAL A 345 -5.47 -16.22 16.70
CA VAL A 345 -5.77 -17.17 15.64
C VAL A 345 -4.76 -18.31 15.64
N ALA A 346 -3.48 -17.98 15.79
CA ALA A 346 -2.44 -19.01 15.79
C ALA A 346 -2.63 -19.98 16.95
N ALA A 347 -3.13 -19.50 18.09
CA ALA A 347 -3.38 -20.38 19.23
C ALA A 347 -4.44 -21.42 18.90
N ILE A 348 -5.59 -20.97 18.40
CA ILE A 348 -6.66 -21.89 18.03
C ILE A 348 -6.15 -22.93 17.05
N LEU A 349 -5.27 -22.51 16.13
CA LEU A 349 -4.79 -23.41 15.08
C LEU A 349 -3.56 -24.20 15.50
N GLY A 350 -2.85 -23.76 16.54
CA GLY A 350 -1.63 -24.41 16.96
C GLY A 350 -0.42 -24.08 16.12
N THR A 351 -0.46 -22.99 15.37
CA THR A 351 0.58 -22.65 14.40
C THR A 351 1.32 -21.39 14.89
N GLU A 352 1.57 -20.39 14.04
CA GLU A 352 2.41 -19.26 14.41
C GLU A 352 2.04 -18.04 13.57
N VAL A 353 2.41 -16.87 14.08
CA VAL A 353 2.28 -15.61 13.35
C VAL A 353 3.64 -15.19 12.85
N LEU A 354 3.74 -14.84 11.57
CA LEU A 354 5.01 -14.51 10.96
C LEU A 354 5.66 -13.32 11.66
N ASP A 355 6.95 -13.46 11.97
CA ASP A 355 7.67 -12.39 12.66
C ASP A 355 9.15 -12.54 12.31
N GLU A 356 10.03 -12.23 13.28
CA GLU A 356 11.47 -12.43 13.07
C GLU A 356 11.92 -13.80 13.55
N LYS A 357 12.57 -13.84 14.71
CA LYS A 357 13.15 -15.08 15.24
C LYS A 357 12.14 -16.20 15.28
N GLU A 370 10.21 -3.56 14.51
CA GLU A 370 9.28 -4.67 14.66
C GLU A 370 8.49 -4.91 13.38
N MET A 371 8.58 -6.13 12.85
CA MET A 371 7.88 -6.46 11.62
C MET A 371 6.37 -6.62 11.81
N ARG A 372 5.87 -6.53 13.04
CA ARG A 372 4.44 -6.56 13.32
C ARG A 372 3.92 -5.21 13.80
N ASP A 373 4.70 -4.15 13.61
CA ASP A 373 4.27 -2.79 13.90
C ASP A 373 3.31 -2.32 12.82
N CYS A 374 2.15 -2.97 12.72
CA CYS A 374 1.22 -2.76 11.61
C CYS A 374 -0.06 -3.53 11.90
N GLY A 375 -1.13 -3.15 11.18
CA GLY A 375 -2.41 -3.77 11.39
C GLY A 375 -2.61 -5.03 10.58
N ILE A 376 -1.57 -5.86 10.48
CA ILE A 376 -1.61 -7.06 9.66
C ILE A 376 -0.95 -8.20 10.43
N ALA A 377 -1.61 -9.35 10.45
CA ALA A 377 -1.05 -10.57 11.02
C ALA A 377 -1.16 -11.69 10.01
N THR A 378 -0.03 -12.27 9.64
CA THR A 378 0.00 -13.43 8.76
C THR A 378 0.18 -14.68 9.62
N VAL A 379 -0.78 -15.59 9.55
CA VAL A 379 -0.78 -16.77 10.41
C VAL A 379 -0.56 -18.03 9.55
N ARG A 380 0.14 -19.00 10.12
CA ARG A 380 0.37 -20.28 9.47
C ARG A 380 -0.86 -21.17 9.65
N LEU A 381 -1.01 -22.12 8.74
CA LEU A 381 -2.15 -23.02 8.77
C LEU A 381 -1.67 -24.46 8.82
N PRO A 382 -2.41 -25.35 9.47
CA PRO A 382 -2.01 -26.75 9.54
C PRO A 382 -2.16 -27.46 8.20
N LEU A 383 -1.25 -27.19 7.27
CA LEU A 383 -1.32 -27.77 5.93
C LEU A 383 0.05 -28.38 5.58
N ALA A 384 0.24 -28.68 4.30
CA ALA A 384 1.48 -29.29 3.83
C ALA A 384 2.12 -28.46 2.73
N VAL A 407 -4.50 -29.30 -4.75
CA VAL A 407 -3.69 -28.10 -4.51
C VAL A 407 -4.57 -26.86 -4.62
N GLY A 408 -4.59 -26.25 -5.81
CA GLY A 408 -5.43 -25.11 -6.08
C GLY A 408 -6.91 -25.37 -5.99
N PRO A 409 -7.40 -26.52 -6.48
CA PRO A 409 -8.79 -26.90 -6.18
C PRO A 409 -9.07 -27.00 -4.69
N ALA A 410 -8.11 -27.39 -3.87
CA ALA A 410 -8.30 -27.27 -2.42
C ALA A 410 -8.53 -25.82 -2.03
N VAL A 411 -7.57 -24.95 -2.35
CA VAL A 411 -7.65 -23.53 -2.02
C VAL A 411 -8.96 -22.92 -2.52
N HIS A 412 -9.45 -23.39 -3.67
CA HIS A 412 -10.74 -22.91 -4.17
C HIS A 412 -11.85 -23.18 -3.16
N TYR A 413 -11.96 -24.42 -2.71
CA TYR A 413 -12.97 -24.77 -1.70
C TYR A 413 -12.94 -23.79 -0.54
N LEU A 414 -11.78 -23.67 0.12
CA LEU A 414 -11.56 -22.64 1.13
C LEU A 414 -12.25 -21.34 0.78
N SER A 415 -11.92 -20.79 -0.38
CA SER A 415 -12.40 -19.46 -0.78
C SER A 415 -13.92 -19.38 -0.71
N MET A 416 -14.62 -20.27 -1.41
CA MET A 416 -16.07 -20.19 -1.44
C MET A 416 -16.72 -20.63 -0.15
N THR A 417 -15.96 -21.39 0.65
CA THR A 417 -16.46 -21.75 2.00
C THR A 417 -16.29 -20.50 2.85
N LEU A 418 -15.22 -19.73 2.59
CA LEU A 418 -15.04 -18.46 3.30
C LEU A 418 -15.97 -17.44 2.64
N ALA A 419 -16.44 -17.75 1.43
CA ALA A 419 -17.29 -16.82 0.68
C ALA A 419 -18.77 -17.16 0.89
N GLU A 420 -19.31 -18.04 0.06
CA GLU A 420 -20.76 -18.37 0.17
C GLU A 420 -21.01 -19.02 1.54
N THR A 421 -20.12 -19.90 1.99
CA THR A 421 -20.34 -20.62 3.26
C THR A 421 -20.07 -19.71 4.47
N HIS A 422 -18.93 -19.04 4.52
CA HIS A 422 -18.60 -18.25 5.74
C HIS A 422 -18.64 -16.73 5.45
N LYS A 423 -18.81 -16.32 4.20
CA LYS A 423 -19.00 -14.88 3.90
C LYS A 423 -17.79 -14.04 4.35
N THR A 424 -16.67 -14.14 3.63
CA THR A 424 -15.45 -13.35 3.95
C THR A 424 -14.35 -13.77 2.97
N TRP A 425 -13.32 -12.95 2.76
CA TRP A 425 -12.33 -13.34 1.77
C TRP A 425 -10.95 -13.05 2.28
N LEU A 426 -10.04 -14.01 2.12
CA LEU A 426 -8.67 -13.85 2.57
C LEU A 426 -7.71 -14.27 1.46
N TYR A 427 -6.44 -13.92 1.64
CA TYR A 427 -5.39 -14.24 0.69
C TYR A 427 -4.39 -15.18 1.35
N LEU A 428 -4.13 -16.32 0.70
CA LEU A 428 -3.25 -17.37 1.19
C LEU A 428 -1.97 -17.41 0.36
N ILE A 429 -0.96 -18.10 0.88
CA ILE A 429 0.30 -18.22 0.16
C ILE A 429 1.03 -19.46 0.66
N ASP A 430 1.78 -20.11 -0.22
CA ASP A 430 2.53 -21.31 0.10
C ASP A 430 3.98 -20.95 0.39
N HIS A 431 4.22 -20.42 1.60
CA HIS A 431 5.56 -20.04 2.04
C HIS A 431 6.02 -21.02 3.11
N GLY A 432 7.31 -21.32 3.10
CA GLY A 432 7.79 -22.39 3.96
C GLY A 432 7.10 -23.70 3.69
N GLY A 433 6.61 -23.90 2.47
CA GLY A 433 5.89 -25.12 2.15
C GLY A 433 4.53 -25.24 2.82
N TYR A 434 4.19 -24.29 3.69
CA TYR A 434 2.94 -24.31 4.43
C TYR A 434 2.09 -23.11 4.01
N ILE A 435 0.80 -23.32 3.81
CA ILE A 435 -0.06 -22.21 3.40
C ILE A 435 -0.21 -21.23 4.56
N TRP A 436 -0.22 -19.94 4.24
CA TRP A 436 -0.35 -18.86 5.20
C TRP A 436 -1.64 -18.10 4.93
N VAL A 437 -2.01 -17.22 5.87
CA VAL A 437 -3.23 -16.42 5.80
C VAL A 437 -2.91 -14.98 6.19
N ARG A 438 -3.47 -14.02 5.44
CA ARG A 438 -3.31 -12.61 5.78
C ARG A 438 -4.56 -12.11 6.52
N LEU A 439 -4.38 -11.63 7.74
CA LEU A 439 -5.45 -11.08 8.56
C LEU A 439 -5.32 -9.57 8.60
N CYS A 440 -6.31 -8.87 8.07
CA CYS A 440 -6.29 -7.41 8.05
C CYS A 440 -7.15 -6.88 9.19
N ALA A 441 -6.53 -6.19 10.13
CA ALA A 441 -7.27 -5.52 11.18
C ALA A 441 -7.98 -4.28 10.62
N GLN A 442 -9.05 -3.88 11.31
CA GLN A 442 -9.72 -2.62 11.02
C GLN A 442 -10.48 -2.16 12.26
N ILE A 443 -10.73 -0.86 12.32
CA ILE A 443 -11.31 -0.22 13.49
C ILE A 443 -12.70 -0.73 13.82
N TYR A 444 -13.33 -1.45 12.90
CA TYR A 444 -14.65 -2.01 13.13
C TYR A 444 -14.60 -3.50 13.44
N LEU A 445 -13.42 -4.09 13.49
CA LEU A 445 -13.28 -5.50 13.87
C LEU A 445 -12.90 -5.63 15.34
N ASP A 446 -13.19 -6.80 15.90
CA ASP A 446 -12.92 -7.14 17.29
C ASP A 446 -12.25 -8.50 17.34
N THR A 447 -11.50 -8.73 18.44
CA THR A 447 -10.73 -9.97 18.59
C THR A 447 -11.60 -11.22 18.52
N SER A 448 -12.92 -11.08 18.63
CA SER A 448 -13.79 -12.24 18.42
C SER A 448 -13.83 -12.64 16.95
N ASP A 449 -13.87 -11.64 16.06
CA ASP A 449 -13.85 -11.93 14.63
C ASP A 449 -12.55 -12.61 14.22
N PHE A 450 -11.48 -12.39 14.99
CA PHE A 450 -10.26 -13.20 14.82
C PHE A 450 -10.43 -14.57 15.46
N GLU A 451 -10.99 -14.63 16.67
CA GLU A 451 -11.41 -15.91 17.23
C GLU A 451 -12.35 -16.63 16.30
N TRP A 452 -13.28 -15.89 15.69
CA TRP A 452 -14.23 -16.51 14.79
C TRP A 452 -13.54 -17.16 13.60
N ILE A 453 -12.71 -16.39 12.88
CA ILE A 453 -12.02 -16.94 11.72
C ILE A 453 -11.07 -18.04 12.15
N GLY A 454 -10.43 -17.86 13.32
CA GLY A 454 -9.56 -18.90 13.84
C GLY A 454 -10.26 -20.24 13.95
N ASN A 455 -11.48 -20.24 14.50
CA ASN A 455 -12.25 -21.49 14.56
C ASN A 455 -12.68 -21.93 13.17
N VAL A 456 -13.07 -20.99 12.30
CA VAL A 456 -13.44 -21.34 10.93
C VAL A 456 -12.27 -22.00 10.21
N LEU A 457 -11.09 -21.38 10.28
CA LEU A 457 -9.91 -21.97 9.66
C LEU A 457 -9.67 -23.38 10.17
N LYS A 458 -9.64 -23.55 11.49
CA LYS A 458 -9.43 -24.85 12.11
C LYS A 458 -10.33 -25.92 11.49
N GLU A 459 -11.61 -25.59 11.27
CA GLU A 459 -12.53 -26.58 10.73
C GLU A 459 -12.11 -27.02 9.33
N ILE A 460 -12.03 -26.07 8.39
CA ILE A 460 -11.72 -26.41 7.01
C ILE A 460 -10.38 -27.13 6.92
N CYS A 461 -9.43 -26.73 7.77
CA CYS A 461 -8.12 -27.38 7.81
C CYS A 461 -8.25 -28.87 8.13
N GLU A 462 -9.00 -29.20 9.19
CA GLU A 462 -9.13 -30.60 9.58
C GLU A 462 -9.70 -31.44 8.44
N THR A 463 -10.60 -30.87 7.65
CA THR A 463 -11.18 -31.56 6.50
C THR A 463 -10.22 -31.55 5.31
N1 PLP B . 2.53 -3.69 -4.07
C2 PLP B . 2.08 -4.12 -2.92
C2A PLP B . 3.06 -4.58 -1.89
C3 PLP B . 0.70 -4.16 -2.63
O3 PLP B . 0.32 -4.60 -1.44
C4 PLP B . -0.24 -3.74 -3.60
C4A PLP B . -1.68 -3.75 -3.28
C5 PLP B . 0.29 -3.27 -4.82
C6 PLP B . 1.66 -3.28 -4.98
C5A PLP B . -0.53 -2.78 -5.99
O4P PLP B . -1.56 -1.91 -5.68
P PLP B . -2.58 -1.53 -7.02
O1P PLP B . -3.55 -0.48 -6.47
O2P PLP B . -1.64 -0.96 -8.09
O3P PLP B . -3.18 -2.89 -7.34
#